data_7EDC
#
_entry.id   7EDC
#
_cell.length_a   84.791
_cell.length_b   60.942
_cell.length_c   67.906
_cell.angle_alpha   90.000
_cell.angle_beta   122.965
_cell.angle_gamma   90.000
#
_symmetry.space_group_name_H-M   'C 1 2 1'
#
loop_
_entity.id
_entity.type
_entity.pdbx_description
1 polymer "tRNA (guanosine(18)-2'-O)-methyltransferase"
2 non-polymer S-ADENOSYLMETHIONINE
3 non-polymer 'PHOSPHATE ION'
4 water water
#
_entity_poly.entity_id   1
_entity_poly.type   'polypeptide(L)'
_entity_poly.pdbx_seq_one_letter_code
;MGSSHHHHHHSSGLVPRGSHMNPTRYARICEMLARRQPDLTVCMEQVHKPHNVSAIIRTADAVGVHEVHAVWPGSRMRTM
ASAAAGSNSWVQVKTHRTIGDAVAHLKGQGMQILATHLSDNAVDFRGIDYTRPTCILMGQEKTGITQEALALADQDIIIP
MIGMVQSLNVSVASALILYEAQRQRQNAGMYLRENSMLPEAEQQRLLFEGGYPVLAKVAKRKGLPYPHVNQQGEIEADAD
WWATMQAAG
;
_entity_poly.pdbx_strand_id   A
#
# COMPACT_ATOMS: atom_id res chain seq x y z
N LEU A 14 -9.14 -18.53 22.68
CA LEU A 14 -9.82 -18.29 21.36
C LEU A 14 -9.61 -16.81 21.02
N VAL A 15 -10.25 -15.88 21.72
CA VAL A 15 -9.93 -14.42 21.57
C VAL A 15 -9.29 -13.91 22.87
N PRO A 16 -7.96 -13.68 22.87
CA PRO A 16 -7.28 -13.17 24.06
C PRO A 16 -7.91 -11.92 24.69
N ARG A 17 -7.94 -11.84 26.04
CA ARG A 17 -8.59 -10.75 26.79
C ARG A 17 -7.91 -9.41 26.43
N GLY A 18 -8.70 -8.35 26.24
CA GLY A 18 -8.22 -7.00 25.89
C GLY A 18 -8.24 -6.74 24.40
N SER A 19 -7.97 -7.76 23.56
CA SER A 19 -7.98 -7.68 22.07
C SER A 19 -9.37 -7.28 21.57
N HIS A 20 -9.44 -6.53 20.47
CA HIS A 20 -10.68 -5.93 19.90
C HIS A 20 -11.46 -6.94 19.05
N MET A 21 -10.82 -8.04 18.62
CA MET A 21 -11.38 -9.01 17.65
C MET A 21 -12.70 -9.58 18.19
N ASN A 22 -13.69 -9.72 17.32
CA ASN A 22 -15.06 -10.26 17.56
C ASN A 22 -15.59 -10.63 16.18
N PRO A 23 -16.79 -11.25 16.07
CA PRO A 23 -17.32 -11.63 14.77
C PRO A 23 -17.53 -10.46 13.79
N THR A 24 -17.74 -9.25 14.33
CA THR A 24 -18.02 -7.98 13.59
C THR A 24 -16.71 -7.41 13.02
N ARG A 25 -15.66 -7.31 13.85
CA ARG A 25 -14.35 -6.79 13.40
C ARG A 25 -13.75 -7.74 12.37
N TYR A 26 -14.02 -9.04 12.49
CA TYR A 26 -13.60 -10.04 11.48
C TYR A 26 -14.26 -9.69 10.14
N ALA A 27 -15.56 -9.41 10.20
CA ALA A 27 -16.38 -9.13 8.99
C ALA A 27 -15.81 -7.88 8.32
N ARG A 28 -15.67 -6.80 9.08
CA ARG A 28 -15.09 -5.50 8.64
C ARG A 28 -13.73 -5.77 7.99
N ILE A 29 -12.86 -6.54 8.64
CA ILE A 29 -11.51 -6.87 8.05
C ILE A 29 -11.71 -7.66 6.76
N CYS A 30 -12.52 -8.72 6.76
CA CYS A 30 -12.64 -9.62 5.58
C CYS A 30 -13.30 -8.87 4.40
N GLU A 31 -14.27 -8.02 4.65
CA GLU A 31 -14.88 -7.13 3.63
C GLU A 31 -13.82 -6.18 3.08
N MET A 32 -12.96 -5.67 3.95
CA MET A 32 -11.86 -4.75 3.56
C MET A 32 -10.90 -5.50 2.63
N LEU A 33 -10.57 -6.77 2.92
CA LEU A 33 -9.67 -7.56 2.02
C LEU A 33 -10.34 -7.88 0.68
N ALA A 34 -11.65 -8.14 0.67
CA ALA A 34 -12.46 -8.39 -0.54
C ALA A 34 -12.38 -7.16 -1.47
N ARG A 35 -12.28 -5.96 -0.89
CA ARG A 35 -12.18 -4.68 -1.65
C ARG A 35 -10.76 -4.36 -2.09
N ARG A 36 -9.76 -5.11 -1.64
CA ARG A 36 -8.32 -4.78 -1.88
C ARG A 36 -8.02 -4.87 -3.39
N GLN A 37 -7.19 -3.96 -3.91
CA GLN A 37 -6.89 -3.81 -5.35
C GLN A 37 -5.38 -4.00 -5.53
N PRO A 38 -4.92 -5.27 -5.53
CA PRO A 38 -3.49 -5.58 -5.55
C PRO A 38 -2.80 -5.19 -6.87
N ASP A 39 -3.56 -4.96 -7.94
CA ASP A 39 -3.00 -4.53 -9.24
C ASP A 39 -2.96 -2.98 -9.31
N LEU A 40 -3.18 -2.27 -8.20
CA LEU A 40 -3.10 -0.79 -8.14
C LEU A 40 -2.10 -0.42 -7.07
N THR A 41 -1.18 0.49 -7.39
CA THR A 41 -0.16 0.89 -6.41
C THR A 41 0.32 2.31 -6.71
N VAL A 42 1.10 2.80 -5.77
CA VAL A 42 1.90 4.05 -5.88
CA VAL A 42 1.88 4.05 -5.89
C VAL A 42 3.34 3.66 -5.58
N CYS A 43 4.27 4.31 -6.24
CA CYS A 43 5.72 4.11 -6.01
C CYS A 43 6.30 5.49 -5.72
N MET A 44 6.92 5.64 -4.56
CA MET A 44 7.50 6.92 -4.09
C MET A 44 8.99 6.92 -4.50
N GLU A 45 9.37 7.77 -5.45
CA GLU A 45 10.80 7.93 -5.85
C GLU A 45 11.44 8.95 -4.93
N GLN A 46 12.10 8.46 -3.87
CA GLN A 46 12.81 9.29 -2.87
C GLN A 46 11.86 10.26 -2.16
N VAL A 47 10.57 9.95 -2.09
CA VAL A 47 9.61 10.75 -1.27
C VAL A 47 9.85 10.30 0.16
N HIS A 48 10.47 11.13 1.00
CA HIS A 48 11.06 10.65 2.29
C HIS A 48 10.52 11.40 3.52
N LYS A 49 9.95 12.62 3.40
CA LYS A 49 9.42 13.35 4.58
C LYS A 49 8.34 12.49 5.21
N PRO A 50 8.46 12.14 6.52
CA PRO A 50 7.50 11.26 7.20
C PRO A 50 6.05 11.72 7.00
N HIS A 51 5.78 13.03 7.02
CA HIS A 51 4.37 13.50 6.85
C HIS A 51 3.86 13.10 5.45
N ASN A 52 4.73 13.08 4.44
CA ASN A 52 4.29 12.77 3.04
C ASN A 52 4.13 11.27 2.91
N VAL A 53 5.07 10.51 3.46
CA VAL A 53 5.06 9.03 3.37
C VAL A 53 3.79 8.54 4.05
N SER A 54 3.51 9.07 5.24
CA SER A 54 2.31 8.70 6.02
C SER A 54 1.02 9.00 5.25
N ALA A 55 0.90 10.21 4.75
CA ALA A 55 -0.31 10.75 4.07
C ALA A 55 -0.51 9.94 2.78
N ILE A 56 0.57 9.60 2.09
CA ILE A 56 0.46 8.79 0.85
C ILE A 56 -0.02 7.38 1.17
N ILE A 57 0.52 6.75 2.21
CA ILE A 57 0.10 5.39 2.68
CA ILE A 57 0.10 5.38 2.62
C ILE A 57 -1.38 5.39 3.08
N ARG A 58 -1.79 6.44 3.76
CA ARG A 58 -3.17 6.59 4.26
C ARG A 58 -4.15 6.59 3.08
N THR A 59 -3.86 7.37 2.03
CA THR A 59 -4.70 7.42 0.81
C THR A 59 -4.64 6.08 0.11
N ALA A 60 -3.46 5.47 0.02
CA ALA A 60 -3.30 4.14 -0.58
C ALA A 60 -4.30 3.19 0.09
N ASP A 61 -4.35 3.15 1.42
CA ASP A 61 -5.27 2.26 2.18
C ASP A 61 -6.72 2.62 1.75
N ALA A 62 -7.02 3.90 1.68
CA ALA A 62 -8.37 4.45 1.46
C ALA A 62 -8.91 4.06 0.09
N VAL A 63 -8.07 3.78 -0.88
CA VAL A 63 -8.50 3.39 -2.25
C VAL A 63 -8.26 1.88 -2.48
N GLY A 64 -7.81 1.15 -1.46
CA GLY A 64 -7.72 -0.33 -1.53
C GLY A 64 -6.36 -0.83 -1.96
N VAL A 65 -5.32 -0.01 -1.91
CA VAL A 65 -3.94 -0.49 -2.26
C VAL A 65 -3.44 -1.43 -1.16
N HIS A 66 -2.95 -2.60 -1.54
CA HIS A 66 -2.46 -3.67 -0.62
C HIS A 66 -0.99 -3.38 -0.25
N GLU A 67 -0.21 -2.93 -1.22
CA GLU A 67 1.25 -2.74 -1.14
C GLU A 67 1.66 -1.49 -1.92
N VAL A 68 2.44 -0.64 -1.29
CA VAL A 68 3.05 0.55 -1.95
C VAL A 68 4.54 0.23 -2.12
N HIS A 69 5.18 0.96 -3.01
CA HIS A 69 6.62 0.80 -3.34
C HIS A 69 7.35 2.08 -3.05
N ALA A 70 8.62 1.97 -2.67
CA ALA A 70 9.47 3.13 -2.38
C ALA A 70 10.89 2.85 -2.90
N VAL A 71 11.48 3.91 -3.45
CA VAL A 71 12.93 4.03 -3.78
C VAL A 71 13.54 4.98 -2.76
N TRP A 72 14.16 4.40 -1.76
CA TRP A 72 14.90 5.06 -0.66
C TRP A 72 16.35 4.52 -0.73
N PRO A 73 17.18 5.06 -1.64
CA PRO A 73 18.49 4.45 -1.92
C PRO A 73 19.36 4.43 -0.65
N GLY A 74 19.38 5.56 0.07
CA GLY A 74 20.26 5.85 1.21
C GLY A 74 19.69 5.38 2.53
N SER A 75 20.57 5.02 3.46
CA SER A 75 20.23 4.46 4.80
C SER A 75 19.52 5.53 5.66
N ARG A 76 19.92 6.80 5.57
CA ARG A 76 19.28 7.86 6.41
C ARG A 76 17.83 8.08 5.91
N MET A 77 17.64 8.07 4.60
CA MET A 77 16.29 8.22 3.98
C MET A 77 15.41 7.06 4.45
N ARG A 78 15.88 5.82 4.28
CA ARG A 78 15.16 4.59 4.71
C ARG A 78 14.80 4.70 6.21
N THR A 79 15.74 5.10 7.07
CA THR A 79 15.55 5.15 8.55
C THR A 79 14.55 6.27 8.93
N MET A 80 14.71 7.48 8.40
CA MET A 80 13.83 8.64 8.69
C MET A 80 12.37 8.29 8.32
N ALA A 81 12.20 7.49 7.27
CA ALA A 81 10.89 7.11 6.69
C ALA A 81 10.30 5.87 7.39
N SER A 82 11.04 5.22 8.29
CA SER A 82 10.72 3.84 8.77
C SER A 82 9.38 3.83 9.51
N ALA A 83 9.16 4.73 10.48
CA ALA A 83 7.92 4.76 11.31
C ALA A 83 6.71 5.04 10.42
N ALA A 84 6.84 6.01 9.51
CA ALA A 84 5.81 6.38 8.51
C ALA A 84 5.52 5.16 7.62
N ALA A 85 6.54 4.43 7.18
CA ALA A 85 6.42 3.20 6.35
C ALA A 85 5.60 2.13 7.10
N GLY A 86 5.64 2.13 8.44
CA GLY A 86 4.97 1.15 9.30
C GLY A 86 3.70 1.72 9.94
N SER A 87 3.21 2.87 9.48
CA SER A 87 2.10 3.60 10.13
C SER A 87 0.77 2.89 9.89
N ASN A 88 0.65 1.94 8.94
CA ASN A 88 -0.65 1.32 8.58
C ASN A 88 -0.49 -0.20 8.53
N SER A 89 -1.11 -0.93 9.45
CA SER A 89 -1.01 -2.42 9.52
C SER A 89 -1.42 -3.02 8.18
N TRP A 90 -2.26 -2.31 7.42
CA TRP A 90 -2.97 -2.95 6.29
C TRP A 90 -2.32 -2.58 4.97
N VAL A 91 -1.28 -1.72 4.97
CA VAL A 91 -0.50 -1.41 3.73
C VAL A 91 0.98 -1.79 3.96
N GLN A 92 1.50 -2.73 3.19
CA GLN A 92 2.94 -3.05 3.28
C GLN A 92 3.68 -2.14 2.30
N VAL A 93 4.93 -1.82 2.63
CA VAL A 93 5.85 -0.99 1.82
C VAL A 93 6.98 -1.91 1.36
N LYS A 94 7.10 -2.08 0.05
CA LYS A 94 8.21 -2.84 -0.61
C LYS A 94 9.27 -1.82 -1.04
N THR A 95 10.48 -1.88 -0.45
CA THR A 95 11.62 -0.99 -0.76
C THR A 95 12.46 -1.61 -1.90
N HIS A 96 12.91 -0.74 -2.81
CA HIS A 96 13.79 -1.04 -3.97
C HIS A 96 15.01 -0.13 -3.88
N ARG A 97 16.20 -0.63 -4.26
CA ARG A 97 17.48 0.14 -4.18
C ARG A 97 17.42 1.31 -5.18
N THR A 98 16.85 1.08 -6.36
CA THR A 98 16.83 2.03 -7.50
C THR A 98 15.48 1.98 -8.23
N ILE A 99 15.15 3.05 -8.98
CA ILE A 99 13.90 3.14 -9.80
C ILE A 99 13.87 2.06 -10.89
N GLY A 100 15.02 1.73 -11.47
CA GLY A 100 15.19 0.58 -12.36
C GLY A 100 14.66 -0.70 -11.75
N ASP A 101 14.98 -0.98 -10.49
CA ASP A 101 14.52 -2.24 -9.84
C ASP A 101 13.00 -2.18 -9.64
N ALA A 102 12.47 -1.08 -9.15
CA ALA A 102 11.02 -0.94 -8.84
C ALA A 102 10.21 -1.12 -10.13
N VAL A 103 10.60 -0.39 -11.18
CA VAL A 103 9.81 -0.38 -12.45
C VAL A 103 9.85 -1.77 -13.09
N ALA A 104 11.01 -2.44 -13.07
CA ALA A 104 11.16 -3.84 -13.52
C ALA A 104 10.17 -4.71 -12.76
N HIS A 105 10.19 -4.64 -11.42
CA HIS A 105 9.27 -5.40 -10.54
C HIS A 105 7.80 -5.10 -10.93
N LEU A 106 7.45 -3.84 -11.16
CA LEU A 106 6.02 -3.44 -11.37
C LEU A 106 5.57 -3.76 -12.80
N LYS A 107 6.44 -3.54 -13.80
CA LYS A 107 6.19 -4.02 -15.20
C LYS A 107 6.02 -5.55 -15.18
N GLY A 108 6.85 -6.24 -14.38
CA GLY A 108 6.72 -7.68 -14.09
C GLY A 108 5.33 -8.07 -13.63
N GLN A 109 4.59 -7.18 -12.94
CA GLN A 109 3.20 -7.44 -12.47
C GLN A 109 2.17 -6.91 -13.49
N GLY A 110 2.57 -6.64 -14.72
CA GLY A 110 1.66 -6.22 -15.80
C GLY A 110 1.13 -4.80 -15.62
N MET A 111 1.80 -3.97 -14.82
CA MET A 111 1.30 -2.61 -14.47
C MET A 111 1.80 -1.60 -15.49
N GLN A 112 0.92 -0.71 -15.95
CA GLN A 112 1.30 0.55 -16.65
C GLN A 112 1.95 1.49 -15.63
N ILE A 113 3.00 2.22 -16.04
CA ILE A 113 3.82 3.09 -15.16
C ILE A 113 3.52 4.54 -15.50
N LEU A 114 2.82 5.23 -14.61
CA LEU A 114 2.40 6.63 -14.85
C LEU A 114 3.30 7.54 -14.04
N ALA A 115 3.98 8.45 -14.71
CA ALA A 115 4.92 9.38 -14.08
C ALA A 115 4.21 10.71 -13.89
N THR A 116 4.07 11.13 -12.63
CA THR A 116 3.47 12.44 -12.32
C THR A 116 4.51 13.51 -12.64
N HIS A 117 4.35 14.19 -13.77
CA HIS A 117 5.44 14.95 -14.40
C HIS A 117 4.90 15.78 -15.57
N LEU A 118 5.18 17.08 -15.52
CA LEU A 118 4.85 18.04 -16.61
C LEU A 118 5.86 17.91 -17.77
N SER A 119 5.33 17.68 -18.97
CA SER A 119 6.08 17.71 -20.25
C SER A 119 5.07 17.98 -21.38
N ASP A 120 5.59 18.15 -22.60
CA ASP A 120 4.76 18.50 -23.78
C ASP A 120 3.89 17.30 -24.09
N ASN A 121 4.35 16.10 -23.70
CA ASN A 121 3.65 14.81 -23.94
C ASN A 121 2.74 14.43 -22.77
N ALA A 122 2.69 15.21 -21.68
CA ALA A 122 1.96 14.84 -20.44
C ALA A 122 0.46 14.96 -20.69
N VAL A 123 -0.32 14.06 -20.09
CA VAL A 123 -1.78 13.94 -20.34
C VAL A 123 -2.53 14.21 -19.02
N ASP A 124 -3.71 14.82 -19.11
CA ASP A 124 -4.62 15.02 -17.95
C ASP A 124 -4.73 13.64 -17.27
N PHE A 125 -4.50 13.57 -15.96
CA PHE A 125 -4.56 12.30 -15.19
C PHE A 125 -5.93 11.63 -15.32
N ARG A 126 -7.00 12.36 -15.63
CA ARG A 126 -8.31 11.71 -15.77
C ARG A 126 -8.50 11.01 -17.12
N GLY A 127 -7.61 11.22 -18.09
CA GLY A 127 -7.68 10.56 -19.42
C GLY A 127 -7.20 9.10 -19.35
N ILE A 128 -6.61 8.68 -18.24
CA ILE A 128 -5.98 7.36 -17.99
C ILE A 128 -7.08 6.35 -17.65
N ASP A 129 -6.93 5.10 -18.08
CA ASP A 129 -7.78 3.98 -17.62
C ASP A 129 -7.09 3.38 -16.40
N TYR A 130 -7.61 3.68 -15.21
CA TYR A 130 -7.06 3.15 -13.91
C TYR A 130 -7.63 1.76 -13.60
N THR A 131 -8.59 1.24 -14.39
CA THR A 131 -9.23 -0.09 -14.15
C THR A 131 -8.26 -1.21 -14.52
N ARG A 132 -7.18 -0.90 -15.23
CA ARG A 132 -6.15 -1.90 -15.56
C ARG A 132 -5.03 -1.81 -14.52
N PRO A 133 -4.14 -2.83 -14.45
CA PRO A 133 -3.06 -2.80 -13.49
C PRO A 133 -2.23 -1.52 -13.67
N THR A 134 -2.01 -0.78 -12.59
CA THR A 134 -1.49 0.61 -12.65
C THR A 134 -0.57 0.89 -11.48
N CYS A 135 0.59 1.43 -11.78
CA CYS A 135 1.51 2.03 -10.80
C CYS A 135 1.57 3.54 -11.05
N ILE A 136 1.24 4.31 -10.01
CA ILE A 136 1.37 5.78 -9.99
C ILE A 136 2.75 6.13 -9.44
N LEU A 137 3.56 6.78 -10.26
CA LEU A 137 4.92 7.13 -9.86
C LEU A 137 4.96 8.60 -9.38
N MET A 138 5.28 8.82 -8.09
CA MET A 138 5.38 10.18 -7.50
C MET A 138 6.87 10.49 -7.25
N GLY A 139 7.30 11.71 -7.55
CA GLY A 139 8.68 12.18 -7.33
C GLY A 139 8.84 13.08 -6.12
N GLN A 140 10.09 13.32 -5.75
CA GLN A 140 10.50 14.03 -4.51
C GLN A 140 10.08 15.50 -4.56
N GLU A 141 10.00 16.13 -3.38
CA GLU A 141 10.32 17.56 -3.16
C GLU A 141 11.74 17.85 -3.64
N LYS A 142 12.02 19.03 -4.20
CA LYS A 142 11.09 19.87 -4.94
C LYS A 142 11.43 19.67 -6.42
N THR A 143 12.12 18.56 -6.69
CA THR A 143 12.99 18.28 -7.86
C THR A 143 12.20 17.49 -8.91
N GLY A 144 11.16 16.78 -8.48
CA GLY A 144 10.29 16.01 -9.39
C GLY A 144 10.87 14.65 -9.66
N ILE A 145 10.23 13.87 -10.53
CA ILE A 145 10.69 12.50 -10.85
C ILE A 145 12.03 12.62 -11.58
N THR A 146 12.93 11.64 -11.43
CA THR A 146 14.27 11.65 -12.10
C THR A 146 14.11 11.49 -13.61
N GLN A 147 15.11 11.99 -14.36
CA GLN A 147 15.22 11.73 -15.82
C GLN A 147 15.25 10.21 -16.05
N GLU A 148 15.89 9.42 -15.18
CA GLU A 148 15.97 7.94 -15.36
C GLU A 148 14.57 7.33 -15.26
N ALA A 149 13.80 7.75 -14.24
CA ALA A 149 12.43 7.25 -14.00
C ALA A 149 11.57 7.62 -15.21
N LEU A 150 11.66 8.87 -15.66
CA LEU A 150 10.91 9.38 -16.83
C LEU A 150 11.17 8.48 -18.03
N ALA A 151 12.41 8.04 -18.24
CA ALA A 151 12.82 7.18 -19.38
C ALA A 151 12.15 5.80 -19.28
N LEU A 152 11.77 5.35 -18.07
CA LEU A 152 11.19 3.99 -17.88
C LEU A 152 9.64 4.02 -17.88
N ALA A 153 9.02 5.18 -17.70
CA ALA A 153 7.57 5.30 -17.45
C ALA A 153 6.86 5.15 -18.79
N ASP A 154 5.62 4.65 -18.78
CA ASP A 154 4.80 4.49 -20.01
C ASP A 154 4.24 5.84 -20.46
N GLN A 155 3.99 6.77 -19.52
CA GLN A 155 3.19 7.99 -19.79
C GLN A 155 3.39 8.96 -18.63
N ASP A 156 3.56 10.23 -18.96
CA ASP A 156 3.48 11.40 -18.05
C ASP A 156 2.02 11.78 -17.85
N ILE A 157 1.66 12.00 -16.59
CA ILE A 157 0.32 12.55 -16.21
C ILE A 157 0.54 13.85 -15.45
N ILE A 158 -0.38 14.78 -15.63
CA ILE A 158 -0.40 16.04 -14.84
C ILE A 158 -1.80 16.20 -14.27
N ILE A 159 -1.84 16.89 -13.14
CA ILE A 159 -3.09 17.41 -12.56
C ILE A 159 -3.19 18.84 -13.02
N PRO A 160 -4.22 19.20 -13.82
CA PRO A 160 -4.33 20.57 -14.34
C PRO A 160 -4.57 21.56 -13.20
N MET A 161 -3.84 22.65 -13.24
CA MET A 161 -3.94 23.75 -12.26
C MET A 161 -4.23 25.01 -13.08
N ILE A 162 -5.39 25.58 -12.79
CA ILE A 162 -6.13 26.55 -13.63
C ILE A 162 -5.86 27.98 -13.11
N GLY A 163 -5.20 28.10 -11.98
CA GLY A 163 -4.82 29.39 -11.36
C GLY A 163 -3.36 29.71 -11.67
N MET A 164 -2.73 30.48 -10.81
CA MET A 164 -1.33 30.92 -11.01
C MET A 164 -0.35 29.87 -10.48
N VAL A 165 -0.56 29.30 -9.30
CA VAL A 165 0.37 28.25 -8.76
C VAL A 165 0.41 27.05 -9.73
N GLN A 166 1.56 26.40 -9.93
CA GLN A 166 1.66 25.26 -10.89
C GLN A 166 2.36 24.09 -10.20
N SER A 167 2.17 23.94 -8.90
CA SER A 167 2.76 22.82 -8.13
C SER A 167 1.79 22.51 -6.98
N LEU A 168 1.64 21.24 -6.61
CA LEU A 168 0.91 20.82 -5.39
C LEU A 168 1.88 20.04 -4.52
N ASN A 169 1.59 19.95 -3.26
CA ASN A 169 2.35 19.07 -2.35
C ASN A 169 2.20 17.62 -2.87
N VAL A 170 3.19 16.78 -2.64
CA VAL A 170 3.25 15.42 -3.23
C VAL A 170 2.19 14.49 -2.62
N SER A 171 1.83 14.64 -1.34
CA SER A 171 0.70 13.95 -0.65
C SER A 171 -0.64 14.33 -1.30
N VAL A 172 -0.89 15.62 -1.51
CA VAL A 172 -2.13 16.11 -2.17
C VAL A 172 -2.15 15.56 -3.63
N ALA A 173 -1.08 15.68 -4.40
CA ALA A 173 -1.04 15.14 -5.79
C ALA A 173 -1.30 13.61 -5.79
N SER A 174 -0.63 12.85 -4.89
CA SER A 174 -0.82 11.39 -4.73
C SER A 174 -2.30 11.10 -4.47
N ALA A 175 -2.93 11.86 -3.57
CA ALA A 175 -4.32 11.62 -3.15
C ALA A 175 -5.24 11.83 -4.36
N LEU A 176 -5.03 12.91 -5.10
CA LEU A 176 -5.87 13.23 -6.27
C LEU A 176 -5.79 12.10 -7.32
N ILE A 177 -4.62 11.57 -7.62
CA ILE A 177 -4.48 10.51 -8.66
C ILE A 177 -5.03 9.20 -8.10
N LEU A 178 -4.76 8.85 -6.84
CA LEU A 178 -5.30 7.58 -6.27
C LEU A 178 -6.83 7.64 -6.28
N TYR A 179 -7.42 8.79 -6.01
CA TYR A 179 -8.91 8.90 -5.91
C TYR A 179 -9.55 8.98 -7.30
N GLU A 180 -8.80 9.36 -8.34
CA GLU A 180 -9.29 9.19 -9.74
C GLU A 180 -9.28 7.69 -10.07
N ALA A 181 -8.32 6.94 -9.57
CA ALA A 181 -8.36 5.45 -9.69
C ALA A 181 -9.53 4.87 -8.89
N GLN A 182 -9.78 5.36 -7.66
CA GLN A 182 -10.91 4.88 -6.84
C GLN A 182 -12.23 5.18 -7.57
N ARG A 183 -12.37 6.38 -8.13
CA ARG A 183 -13.61 6.79 -8.86
C ARG A 183 -13.88 5.79 -9.99
N GLN A 184 -12.90 5.55 -10.80
CA GLN A 184 -13.07 4.75 -12.06
C GLN A 184 -13.29 3.30 -11.65
N ARG A 185 -12.58 2.85 -10.62
CA ARG A 185 -12.76 1.46 -10.12
C ARG A 185 -14.13 1.27 -9.52
N GLN A 186 -14.62 2.22 -8.71
CA GLN A 186 -15.97 2.17 -8.12
C GLN A 186 -17.04 2.25 -9.22
N ASN A 187 -16.90 3.18 -10.14
CA ASN A 187 -17.82 3.23 -11.31
C ASN A 187 -17.83 1.89 -12.06
N ALA A 188 -16.73 1.15 -12.13
CA ALA A 188 -16.69 -0.16 -12.80
C ALA A 188 -17.11 -1.29 -11.84
N GLY A 189 -17.50 -0.97 -10.62
CA GLY A 189 -17.95 -1.97 -9.60
C GLY A 189 -16.82 -2.81 -9.04
N MET A 190 -15.56 -2.40 -9.15
CA MET A 190 -14.41 -3.30 -8.85
C MET A 190 -14.15 -3.47 -7.34
N TYR A 191 -14.84 -2.73 -6.50
CA TYR A 191 -14.78 -2.91 -5.01
C TYR A 191 -15.87 -3.88 -4.54
N LEU A 192 -16.74 -4.37 -5.42
CA LEU A 192 -17.82 -5.30 -4.98
C LEU A 192 -17.39 -6.71 -5.39
N ARG A 193 -16.98 -7.50 -4.41
CA ARG A 193 -16.38 -8.83 -4.65
C ARG A 193 -16.81 -9.77 -3.51
N GLU A 194 -17.07 -11.02 -3.87
CA GLU A 194 -17.42 -12.09 -2.90
C GLU A 194 -16.16 -12.64 -2.23
N ASN A 195 -15.05 -12.68 -2.97
CA ASN A 195 -13.74 -13.16 -2.47
C ASN A 195 -12.69 -12.08 -2.74
N SER A 196 -11.60 -12.09 -1.99
CA SER A 196 -10.44 -11.20 -2.25
C SER A 196 -9.70 -11.72 -3.47
N MET A 197 -9.22 -10.81 -4.31
CA MET A 197 -8.14 -11.03 -5.31
C MET A 197 -6.83 -11.43 -4.60
N LEU A 198 -6.73 -11.22 -3.29
CA LEU A 198 -5.52 -11.60 -2.51
C LEU A 198 -5.50 -13.12 -2.31
N PRO A 199 -4.33 -13.78 -2.39
CA PRO A 199 -4.24 -15.21 -2.06
C PRO A 199 -4.70 -15.45 -0.61
N GLU A 200 -5.32 -16.59 -0.36
CA GLU A 200 -5.78 -17.04 0.98
C GLU A 200 -4.66 -16.80 2.00
N ALA A 201 -3.40 -17.05 1.66
CA ALA A 201 -2.28 -16.97 2.63
C ALA A 201 -2.08 -15.51 3.05
N GLU A 202 -2.14 -14.57 2.09
CA GLU A 202 -2.04 -13.11 2.38
C GLU A 202 -3.19 -12.69 3.29
N GLN A 203 -4.39 -13.18 3.03
CA GLN A 203 -5.59 -12.84 3.81
C GLN A 203 -5.42 -13.28 5.27
N GLN A 204 -4.94 -14.52 5.51
CA GLN A 204 -4.70 -15.01 6.90
C GLN A 204 -3.58 -14.20 7.55
N ARG A 205 -2.49 -13.92 6.82
CA ARG A 205 -1.37 -13.07 7.33
C ARG A 205 -1.94 -11.76 7.84
N LEU A 206 -2.77 -11.12 7.02
CA LEU A 206 -3.28 -9.77 7.33
C LEU A 206 -4.29 -9.80 8.49
N LEU A 207 -5.21 -10.77 8.48
CA LEU A 207 -6.19 -11.00 9.57
C LEU A 207 -5.44 -11.08 10.90
N PHE A 208 -4.34 -11.81 10.93
CA PHE A 208 -3.61 -11.99 12.21
C PHE A 208 -2.78 -10.73 12.52
N GLU A 209 -1.99 -10.28 11.54
CA GLU A 209 -1.02 -9.18 11.70
C GLU A 209 -1.76 -7.86 11.96
N GLY A 210 -2.96 -7.72 11.39
CA GLY A 210 -3.85 -6.56 11.59
C GLY A 210 -4.72 -6.72 12.82
N GLY A 211 -5.36 -7.88 12.94
CA GLY A 211 -6.29 -8.23 14.03
C GLY A 211 -5.60 -8.34 15.37
N TYR A 212 -4.36 -8.83 15.40
CA TYR A 212 -3.56 -9.12 16.62
C TYR A 212 -2.15 -8.59 16.48
N PRO A 213 -1.98 -7.26 16.23
CA PRO A 213 -0.68 -6.73 15.83
C PRO A 213 0.35 -7.03 16.91
N VAL A 214 0.00 -6.99 18.21
CA VAL A 214 1.02 -7.26 19.27
C VAL A 214 1.44 -8.74 19.22
N LEU A 215 0.49 -9.66 19.02
CA LEU A 215 0.79 -11.12 18.99
C LEU A 215 1.57 -11.49 17.74
N ALA A 216 1.32 -10.81 16.61
CA ALA A 216 2.07 -11.08 15.37
C ALA A 216 3.57 -10.76 15.58
N LYS A 217 3.91 -9.68 16.30
CA LYS A 217 5.33 -9.35 16.66
C LYS A 217 5.91 -10.44 17.57
N VAL A 218 5.12 -10.89 18.56
CA VAL A 218 5.58 -11.93 19.53
C VAL A 218 5.84 -13.21 18.73
N ALA A 219 4.91 -13.59 17.87
CA ALA A 219 5.07 -14.79 17.00
C ALA A 219 6.38 -14.65 16.23
N LYS A 220 6.63 -13.50 15.61
CA LYS A 220 7.85 -13.29 14.78
C LYS A 220 9.07 -13.44 15.68
N ARG A 221 9.18 -12.67 16.77
CA ARG A 221 10.34 -12.74 17.69
C ARG A 221 10.59 -14.20 18.11
N LYS A 222 9.55 -14.93 18.47
CA LYS A 222 9.72 -16.36 18.91
C LYS A 222 9.94 -17.26 17.68
N GLY A 223 9.89 -16.72 16.46
CA GLY A 223 10.02 -17.49 15.22
C GLY A 223 8.96 -18.58 15.09
N LEU A 224 7.71 -18.26 15.49
CA LEU A 224 6.52 -19.13 15.36
C LEU A 224 5.72 -18.72 14.14
N PRO A 225 5.01 -19.68 13.50
CA PRO A 225 4.05 -19.36 12.42
C PRO A 225 2.86 -18.56 12.97
N TYR A 226 2.23 -17.75 12.12
CA TYR A 226 0.93 -17.12 12.45
C TYR A 226 -0.10 -18.24 12.46
N PRO A 227 -1.04 -18.23 13.42
CA PRO A 227 -2.09 -19.26 13.50
C PRO A 227 -3.27 -18.89 12.60
N HIS A 228 -4.25 -19.79 12.53
CA HIS A 228 -5.53 -19.56 11.82
C HIS A 228 -6.45 -18.67 12.65
N VAL A 229 -7.18 -17.77 11.99
CA VAL A 229 -8.23 -16.90 12.58
C VAL A 229 -9.55 -17.27 11.91
N ASN A 230 -10.55 -17.61 12.72
CA ASN A 230 -11.87 -18.11 12.28
C ASN A 230 -12.86 -16.93 12.28
N GLN A 231 -14.11 -17.18 11.89
CA GLN A 231 -15.11 -16.13 11.54
C GLN A 231 -15.64 -15.47 12.82
N GLN A 232 -15.35 -16.06 13.99
CA GLN A 232 -15.60 -15.43 15.31
C GLN A 232 -14.48 -14.42 15.59
N GLY A 233 -13.41 -14.44 14.79
CA GLY A 233 -12.19 -13.66 15.04
C GLY A 233 -11.28 -14.35 16.06
N GLU A 234 -11.58 -15.61 16.38
CA GLU A 234 -10.85 -16.39 17.41
C GLU A 234 -9.55 -16.93 16.81
N ILE A 235 -8.51 -17.04 17.63
CA ILE A 235 -7.27 -17.77 17.25
C ILE A 235 -7.53 -19.27 17.44
N GLU A 236 -7.24 -20.04 16.40
CA GLU A 236 -7.20 -21.54 16.39
C GLU A 236 -5.75 -21.98 16.18
N ALA A 237 -5.14 -22.54 17.23
CA ALA A 237 -3.78 -23.10 17.14
C ALA A 237 -3.64 -24.22 18.18
N ASP A 238 -2.55 -24.96 18.06
CA ASP A 238 -2.30 -26.19 18.86
C ASP A 238 -1.75 -25.78 20.22
N ALA A 239 -1.89 -26.64 21.23
CA ALA A 239 -1.46 -26.44 22.63
C ALA A 239 -0.01 -25.93 22.62
N ASP A 240 0.81 -26.44 21.70
CA ASP A 240 2.26 -26.17 21.58
C ASP A 240 2.51 -24.70 21.20
N TRP A 241 1.69 -24.19 20.28
CA TRP A 241 1.78 -22.78 19.84
C TRP A 241 1.45 -21.88 21.04
N TRP A 242 0.32 -22.15 21.70
CA TRP A 242 -0.22 -21.39 22.84
C TRP A 242 0.83 -21.38 23.95
N ALA A 243 1.46 -22.52 24.23
CA ALA A 243 2.45 -22.68 25.32
C ALA A 243 3.68 -21.83 24.99
N THR A 244 4.21 -21.94 23.78
CA THR A 244 5.42 -21.18 23.32
C THR A 244 5.09 -19.67 23.35
N MET A 245 3.89 -19.30 22.89
CA MET A 245 3.48 -17.87 22.80
C MET A 245 3.37 -17.31 24.21
N GLN A 246 3.03 -18.13 25.20
CA GLN A 246 2.79 -17.60 26.57
C GLN A 246 4.09 -17.60 27.40
N ALA A 247 5.12 -18.33 26.96
CA ALA A 247 6.42 -18.44 27.67
C ALA A 247 7.12 -17.07 27.72
N ALA A 248 7.95 -16.84 28.71
CA ALA A 248 8.84 -15.66 28.79
C ALA A 248 9.98 -15.79 27.78
N GLY A 249 10.44 -14.71 27.14
CA GLY A 249 9.59 -13.82 26.36
C GLY A 249 10.11 -13.74 24.93
#